data_6GH7
#
_entry.id   6GH7
#
_cell.length_a   50.631
_cell.length_b   98.495
_cell.length_c   52.915
_cell.angle_alpha   90.00
_cell.angle_beta   112.67
_cell.angle_gamma   90.00
#
_symmetry.space_group_name_H-M   'P 1 21 1'
#
loop_
_entity.id
_entity.type
_entity.pdbx_description
1 polymer Streptavidin
2 non-polymer 5-[(3~{a}~{S},4~{S},6~{a}~{R})-2-oxidanylidene-1,3,3~{a},4,6,6~{a}-hexahydrothieno[3,4-d]imidazol-4-yl]-~{N}-[(3~{R})-pyrrolidin-3-yl]pentanamide
3 water water
#
_entity_poly.entity_id   1
_entity_poly.type   'polypeptide(L)'
_entity_poly.pdbx_seq_one_letter_code
;MAEAGITGTWYNQLGSTFIVTAGADGALTGTYESAVGNAESRYVLTGRYDSAPATDGSGTALGWTVAWKNNYRNAHSATT
WSGQYVGGAEARINTQWLLTSGTTEANAWKSTLVGHDTFTKVKPSAAS
;
_entity_poly.pdbx_strand_id   A,B,C,D
#
loop_
_chem_comp.id
_chem_comp.type
_chem_comp.name
_chem_comp.formula
EYW non-polymer 5-[(3~{a}~{S},4~{S},6~{a}~{R})-2-oxidanylidene-1,3,3~{a},4,6,6~{a}-hexahydrothieno[3,4-d]imidazol-4-yl]-~{N}-[(3~{R})-pyrrolidin-3-yl]pentanamide 'C14 H24 N4 O2 S'
#
# COMPACT_ATOMS: atom_id res chain seq x y z
N ALA A 4 -11.65 -25.87 7.88
CA ALA A 4 -10.97 -27.14 7.48
C ALA A 4 -9.72 -26.86 6.61
N GLY A 5 -9.63 -25.66 6.01
CA GLY A 5 -8.49 -25.30 5.15
C GLY A 5 -7.59 -24.26 5.82
N ILE A 6 -8.20 -23.17 6.26
CA ILE A 6 -7.48 -22.06 6.88
C ILE A 6 -6.89 -22.46 8.24
N THR A 7 -7.67 -23.16 9.06
CA THR A 7 -7.23 -23.52 10.40
C THR A 7 -5.92 -24.32 10.33
N GLY A 8 -4.95 -23.92 11.16
CA GLY A 8 -3.70 -24.63 11.25
C GLY A 8 -2.54 -23.70 11.55
N THR A 9 -1.34 -24.24 11.38
CA THR A 9 -0.12 -23.51 11.64
C THR A 9 0.55 -23.25 10.28
N TRP A 10 0.85 -21.96 10.06
CA TRP A 10 1.40 -21.46 8.84
C TRP A 10 2.73 -20.80 9.14
N TYR A 11 3.58 -20.72 8.09
CA TYR A 11 4.87 -20.04 8.18
C TYR A 11 5.05 -19.17 6.94
N ASN A 12 5.61 -17.96 7.13
CA ASN A 12 5.85 -17.12 5.99
C ASN A 12 7.32 -17.24 5.54
N GLN A 13 7.68 -16.45 4.53
CA GLN A 13 8.99 -16.46 3.93
C GLN A 13 10.10 -15.99 4.90
N LEU A 14 9.73 -15.32 5.98
CA LEU A 14 10.67 -14.82 7.01
C LEU A 14 10.85 -15.87 8.10
N GLY A 15 10.03 -16.91 8.12
CA GLY A 15 10.03 -17.87 9.19
C GLY A 15 9.11 -17.51 10.37
N SER A 16 8.27 -16.49 10.20
CA SER A 16 7.30 -16.19 11.24
C SER A 16 6.22 -17.30 11.29
N THR A 17 5.61 -17.47 12.47
CA THR A 17 4.64 -18.51 12.73
C THR A 17 3.26 -17.93 13.03
N PHE A 18 2.28 -18.35 12.26
CA PHE A 18 0.90 -17.87 12.29
C PHE A 18 0.06 -19.10 12.64
N ILE A 19 -0.46 -19.10 13.86
CA ILE A 19 -1.33 -20.21 14.36
C ILE A 19 -2.72 -19.63 14.39
N VAL A 20 -3.63 -20.24 13.62
CA VAL A 20 -4.93 -19.66 13.43
C VAL A 20 -6.04 -20.72 13.46
N THR A 21 -7.19 -20.31 13.96
CA THR A 21 -8.40 -21.08 13.93
C THR A 21 -9.49 -20.28 13.23
N ALA A 22 -10.10 -20.86 12.19
CA ALA A 22 -11.18 -20.26 11.45
C ALA A 22 -12.50 -20.75 12.05
N GLY A 23 -13.29 -19.80 12.58
CA GLY A 23 -14.61 -20.13 13.20
C GLY A 23 -15.71 -20.24 12.15
N ALA A 24 -16.79 -20.96 12.47
CA ALA A 24 -17.91 -21.12 11.55
C ALA A 24 -18.63 -19.80 11.28
N ASP A 25 -18.40 -18.82 12.15
CA ASP A 25 -18.99 -17.50 12.10
C ASP A 25 -18.14 -16.49 11.30
N GLY A 26 -17.05 -16.92 10.63
CA GLY A 26 -16.19 -16.02 9.87
C GLY A 26 -15.05 -15.42 10.68
N ALA A 27 -14.88 -15.84 11.93
CA ALA A 27 -13.81 -15.31 12.77
C ALA A 27 -12.48 -16.02 12.52
N LEU A 28 -11.40 -15.29 12.67
CA LEU A 28 -10.03 -15.78 12.79
C LEU A 28 -9.50 -15.44 14.18
N THR A 29 -8.93 -16.42 14.88
CA THR A 29 -8.37 -16.21 16.17
CA THR A 29 -8.41 -16.26 16.20
C THR A 29 -7.06 -17.00 16.26
N GLY A 30 -6.10 -16.48 17.00
CA GLY A 30 -4.90 -17.29 17.19
C GLY A 30 -3.73 -16.43 17.65
N THR A 31 -2.52 -16.86 17.33
CA THR A 31 -1.31 -16.18 17.71
C THR A 31 -0.34 -15.99 16.55
N TYR A 32 0.51 -14.96 16.71
CA TYR A 32 1.52 -14.65 15.70
C TYR A 32 2.85 -14.46 16.41
N GLU A 33 3.89 -15.05 15.83
CA GLU A 33 5.22 -14.88 16.34
C GLU A 33 6.10 -14.46 15.15
N SER A 34 6.67 -13.25 15.23
CA SER A 34 7.48 -12.71 14.14
C SER A 34 8.95 -13.11 14.30
N ALA A 35 9.53 -13.52 13.17
CA ALA A 35 10.96 -13.82 13.13
C ALA A 35 11.83 -12.55 13.12
N VAL A 36 11.21 -11.40 12.87
CA VAL A 36 11.96 -10.15 12.67
C VAL A 36 11.29 -9.02 13.45
N GLY A 37 12.04 -7.95 13.62
CA GLY A 37 11.49 -6.71 14.15
C GLY A 37 11.49 -6.68 15.65
N ASN A 38 10.77 -5.68 16.16
CA ASN A 38 10.71 -5.41 17.60
C ASN A 38 9.60 -6.26 18.20
N ALA A 39 9.91 -7.53 18.40
CA ALA A 39 8.92 -8.53 18.71
C ALA A 39 9.62 -9.67 19.40
N GLU A 40 8.96 -10.26 20.40
CA GLU A 40 9.41 -11.50 20.94
C GLU A 40 8.20 -12.34 21.36
N SER A 41 8.32 -13.67 21.18
CA SER A 41 7.27 -14.63 21.57
C SER A 41 5.96 -14.32 20.81
N ARG A 42 4.85 -14.84 21.36
CA ARG A 42 3.57 -14.77 20.69
C ARG A 42 2.80 -13.50 21.03
N TYR A 43 1.99 -13.09 20.04
CA TYR A 43 1.05 -12.01 20.14
C TYR A 43 -0.34 -12.48 19.73
N VAL A 44 -1.37 -11.91 20.36
CA VAL A 44 -2.72 -12.21 20.01
C VAL A 44 -3.04 -11.67 18.60
N LEU A 45 -3.80 -12.44 17.80
CA LEU A 45 -4.36 -11.95 16.57
C LEU A 45 -5.87 -12.21 16.55
N THR A 46 -6.58 -11.36 15.83
CA THR A 46 -7.95 -11.62 15.46
CA THR A 46 -7.97 -11.62 15.46
C THR A 46 -8.21 -11.09 14.05
N GLY A 47 -9.14 -11.69 13.35
CA GLY A 47 -9.48 -11.28 12.00
C GLY A 47 -10.77 -11.89 11.54
N ARG A 48 -11.00 -11.80 10.23
CA ARG A 48 -12.22 -12.26 9.58
C ARG A 48 -11.86 -12.95 8.28
N TYR A 49 -12.75 -13.84 7.82
CA TYR A 49 -12.59 -14.44 6.51
C TYR A 49 -13.97 -14.64 5.92
N ASP A 50 -14.01 -14.76 4.61
CA ASP A 50 -15.24 -15.11 3.91
C ASP A 50 -15.57 -16.58 4.12
N SER A 51 -16.63 -16.85 4.92
CA SER A 51 -17.00 -18.23 5.24
C SER A 51 -17.85 -18.92 4.17
N ALA A 52 -18.18 -18.22 3.09
CA ALA A 52 -18.94 -18.78 1.96
C ALA A 52 -18.30 -18.28 0.67
N PRO A 53 -17.04 -18.70 0.39
CA PRO A 53 -16.33 -18.20 -0.79
C PRO A 53 -16.97 -18.69 -2.09
N ALA A 54 -16.65 -18.01 -3.17
CA ALA A 54 -17.04 -18.49 -4.48
C ALA A 54 -16.51 -19.90 -4.73
N THR A 55 -17.20 -20.58 -5.64
CA THR A 55 -16.94 -22.01 -5.98
C THR A 55 -16.47 -22.14 -7.43
N ASP A 56 -15.90 -21.05 -7.95
CA ASP A 56 -15.45 -20.91 -9.32
C ASP A 56 -13.92 -21.00 -9.44
N GLY A 57 -13.21 -21.39 -8.36
CA GLY A 57 -11.75 -21.50 -8.35
C GLY A 57 -11.08 -20.24 -7.78
N SER A 58 -11.87 -19.24 -7.38
CA SER A 58 -11.36 -18.04 -6.69
C SER A 58 -10.87 -18.40 -5.28
N GLY A 59 -9.91 -17.64 -4.79
CA GLY A 59 -9.43 -17.74 -3.39
C GLY A 59 -10.48 -17.23 -2.41
N THR A 60 -10.13 -17.42 -1.15
CA THR A 60 -11.00 -17.00 -0.03
C THR A 60 -10.39 -15.75 0.63
N ALA A 61 -11.12 -14.66 0.59
CA ALA A 61 -10.60 -13.41 1.16
C ALA A 61 -10.58 -13.48 2.70
N LEU A 62 -9.56 -12.86 3.28
CA LEU A 62 -9.38 -12.87 4.72
CA LEU A 62 -9.40 -12.84 4.70
C LEU A 62 -8.47 -11.68 5.11
N GLY A 63 -8.48 -11.38 6.41
CA GLY A 63 -7.54 -10.43 6.97
C GLY A 63 -7.41 -10.64 8.45
N TRP A 64 -6.30 -10.19 9.05
CA TRP A 64 -6.16 -10.22 10.49
C TRP A 64 -5.23 -9.09 10.93
N THR A 65 -5.26 -8.84 12.25
CA THR A 65 -4.49 -7.79 12.91
C THR A 65 -3.72 -8.38 14.08
N VAL A 66 -2.47 -7.93 14.20
CA VAL A 66 -1.68 -8.05 15.43
C VAL A 66 -1.30 -6.66 15.93
N ALA A 67 -1.60 -6.35 17.21
CA ALA A 67 -1.00 -5.19 17.89
C ALA A 67 0.24 -5.70 18.63
N TRP A 68 1.37 -5.04 18.43
CA TRP A 68 2.67 -5.59 18.88
C TRP A 68 2.98 -5.32 20.36
N LYS A 69 1.97 -5.62 21.19
CA LYS A 69 2.05 -5.57 22.64
C LYS A 69 1.72 -6.96 23.19
N ASN A 70 2.61 -7.49 24.02
CA ASN A 70 2.33 -8.70 24.77
C ASN A 70 2.84 -8.50 26.20
N ASN A 71 2.94 -9.59 26.96
CA ASN A 71 3.38 -9.50 28.35
C ASN A 71 4.85 -9.08 28.46
N TYR A 72 5.61 -9.15 27.36
CA TYR A 72 7.05 -8.98 27.45
C TYR A 72 7.52 -7.68 26.83
N ARG A 73 6.81 -7.13 25.84
CA ARG A 73 7.34 -6.08 25.05
C ARG A 73 6.17 -5.30 24.43
N ASN A 74 6.39 -4.02 24.13
CA ASN A 74 5.45 -3.22 23.39
C ASN A 74 6.15 -2.34 22.37
N ALA A 75 5.91 -2.66 21.10
CA ALA A 75 6.50 -1.90 19.96
C ALA A 75 5.58 -0.81 19.43
N HIS A 76 4.51 -0.47 20.16
CA HIS A 76 3.61 0.62 19.80
C HIS A 76 3.29 0.67 18.30
N SER A 77 2.76 -0.43 17.81
CA SER A 77 2.54 -0.60 16.38
C SER A 77 1.56 -1.74 16.20
N ALA A 78 1.00 -1.80 15.00
CA ALA A 78 0.02 -2.88 14.63
C ALA A 78 0.21 -3.19 13.16
N THR A 79 0.15 -4.48 12.84
CA THR A 79 0.16 -4.94 11.45
C THR A 79 -1.19 -5.50 11.11
N THR A 80 -1.69 -5.16 9.92
CA THR A 80 -2.80 -5.85 9.35
C THR A 80 -2.33 -6.57 8.06
N TRP A 81 -2.73 -7.84 7.94
CA TRP A 81 -2.53 -8.60 6.74
C TRP A 81 -3.86 -8.78 6.04
N SER A 82 -3.89 -8.47 4.74
CA SER A 82 -5.09 -8.58 3.91
C SER A 82 -4.71 -9.50 2.74
N GLY A 83 -5.52 -10.48 2.48
CA GLY A 83 -5.10 -11.47 1.45
C GLY A 83 -6.16 -12.48 1.10
N GLN A 84 -5.68 -13.58 0.52
CA GLN A 84 -6.60 -14.66 0.18
C GLN A 84 -5.89 -15.98 0.41
N TYR A 85 -6.71 -16.94 0.87
CA TYR A 85 -6.33 -18.34 0.97
C TYR A 85 -6.64 -19.02 -0.37
N VAL A 86 -5.65 -19.79 -0.81
CA VAL A 86 -5.68 -20.59 -2.05
C VAL A 86 -5.50 -22.06 -1.61
N GLY A 87 -6.58 -22.85 -1.78
CA GLY A 87 -6.60 -24.25 -1.36
C GLY A 87 -5.86 -25.13 -2.36
N GLY A 88 -5.86 -26.43 -2.07
CA GLY A 88 -5.23 -27.44 -2.93
C GLY A 88 -4.04 -28.07 -2.23
N ALA A 89 -3.24 -28.78 -3.03
CA ALA A 89 -2.19 -29.68 -2.52
C ALA A 89 -1.09 -28.87 -1.84
N GLU A 90 -0.86 -27.64 -2.33
CA GLU A 90 0.15 -26.75 -1.78
C GLU A 90 -0.60 -25.47 -1.38
N ALA A 91 -1.40 -25.57 -0.31
CA ALA A 91 -2.25 -24.48 0.11
C ALA A 91 -1.37 -23.30 0.51
N ARG A 92 -1.87 -22.10 0.25
CA ARG A 92 -1.09 -20.92 0.48
C ARG A 92 -2.02 -19.82 0.99
N ILE A 93 -1.49 -18.89 1.80
CA ILE A 93 -2.18 -17.65 2.08
C ILE A 93 -1.27 -16.54 1.59
N ASN A 94 -1.74 -15.79 0.57
CA ASN A 94 -0.99 -14.76 -0.05
C ASN A 94 -1.54 -13.43 0.48
N THR A 95 -0.63 -12.60 1.07
CA THR A 95 -1.04 -11.37 1.71
C THR A 95 -0.20 -10.19 1.29
N GLN A 96 -0.81 -9.02 1.53
CA GLN A 96 -0.10 -7.75 1.62
C GLN A 96 -0.41 -7.18 3.01
N TRP A 97 0.50 -6.40 3.57
CA TRP A 97 0.32 -5.96 4.92
C TRP A 97 0.68 -4.48 5.06
N LEU A 98 0.11 -3.87 6.11
CA LEU A 98 0.36 -2.49 6.54
C LEU A 98 0.73 -2.51 8.03
N LEU A 99 1.89 -1.97 8.35
CA LEU A 99 2.39 -1.93 9.72
C LEU A 99 2.44 -0.46 10.11
N THR A 100 1.48 -0.02 10.94
CA THR A 100 1.46 1.35 11.38
C THR A 100 2.00 1.43 12.80
N SER A 101 2.89 2.41 12.99
CA SER A 101 3.39 2.73 14.30
C SER A 101 2.65 3.94 14.86
N GLY A 102 2.49 4.00 16.19
CA GLY A 102 2.06 5.24 16.82
C GLY A 102 3.15 6.29 16.72
N THR A 103 2.85 7.46 16.17
CA THR A 103 3.85 8.49 15.97
C THR A 103 3.34 9.81 16.54
N THR A 104 4.26 10.77 16.67
CA THR A 104 3.90 12.22 16.84
C THR A 104 3.32 12.72 15.51
N GLU A 105 2.58 13.84 15.54
CA GLU A 105 1.81 14.31 14.38
C GLU A 105 2.81 14.66 13.28
N ALA A 106 3.96 15.15 13.71
CA ALA A 106 4.88 15.61 12.70
C ALA A 106 5.58 14.42 12.03
N ASN A 107 5.60 13.23 12.65
CA ASN A 107 6.24 12.02 12.04
C ASN A 107 5.22 11.07 11.40
N ALA A 108 3.98 11.52 11.31
CA ALA A 108 2.91 10.65 10.87
C ALA A 108 3.10 10.24 9.40
N TRP A 109 3.76 11.09 8.61
CA TRP A 109 4.07 10.73 7.23
C TRP A 109 4.85 9.42 7.09
N LYS A 110 5.66 9.08 8.09
CA LYS A 110 6.51 7.88 8.02
C LYS A 110 6.00 6.81 8.98
N SER A 111 4.71 6.85 9.30
CA SER A 111 4.14 5.90 10.25
C SER A 111 3.98 4.47 9.74
N THR A 112 3.88 4.28 8.42
CA THR A 112 3.35 3.04 7.89
C THR A 112 4.31 2.35 6.91
N LEU A 113 4.71 1.13 7.24
CA LEU A 113 5.43 0.25 6.32
C LEU A 113 4.41 -0.62 5.58
N VAL A 114 4.80 -1.02 4.37
CA VAL A 114 4.00 -1.94 3.55
C VAL A 114 4.90 -3.08 3.08
N GLY A 115 4.28 -4.26 2.98
CA GLY A 115 5.01 -5.40 2.40
C GLY A 115 4.05 -6.50 2.04
N HIS A 116 4.65 -7.67 1.77
CA HIS A 116 3.86 -8.80 1.32
C HIS A 116 4.47 -10.06 1.91
N ASP A 117 3.59 -10.91 2.45
CA ASP A 117 3.99 -12.17 3.05
C ASP A 117 3.18 -13.29 2.43
N THR A 118 3.87 -14.40 2.12
CA THR A 118 3.19 -15.57 1.63
C THR A 118 3.45 -16.69 2.65
N PHE A 119 2.34 -17.36 3.02
CA PHE A 119 2.33 -18.41 4.07
C PHE A 119 2.05 -19.76 3.44
N THR A 120 2.77 -20.75 3.94
CA THR A 120 2.49 -22.15 3.65
C THR A 120 2.49 -22.93 4.97
N LYS A 121 1.97 -24.16 4.93
CA LYS A 121 1.96 -25.02 6.17
C LYS A 121 3.31 -25.75 6.32
N VAL A 122 4.36 -25.43 5.54
CA VAL A 122 5.71 -26.09 5.64
C VAL A 122 6.64 -25.34 6.61
N LYS A 123 7.20 -26.05 7.60
CA LYS A 123 7.97 -25.45 8.71
C LYS A 123 9.33 -24.93 8.22
N GLY B 5 -10.76 6.32 24.73
CA GLY B 5 -11.04 7.31 23.67
C GLY B 5 -11.46 6.68 22.35
N ILE B 6 -11.19 5.39 22.17
CA ILE B 6 -11.48 4.70 20.92
C ILE B 6 -12.94 4.22 20.86
N THR B 7 -13.48 3.77 21.99
CA THR B 7 -14.81 3.18 21.97
C THR B 7 -15.87 4.22 21.55
N GLY B 8 -16.74 3.82 20.60
CA GLY B 8 -17.83 4.67 20.17
C GLY B 8 -18.05 4.58 18.67
N THR B 9 -18.70 5.62 18.16
CA THR B 9 -19.06 5.72 16.78
C THR B 9 -18.13 6.73 16.07
N TRP B 10 -17.65 6.32 14.90
CA TRP B 10 -16.75 7.09 14.10
C TRP B 10 -17.27 7.11 12.66
N TYR B 11 -16.90 8.18 11.92
CA TYR B 11 -17.36 8.36 10.56
C TYR B 11 -16.17 8.75 9.70
N ASN B 12 -16.03 8.18 8.51
CA ASN B 12 -14.97 8.55 7.62
C ASN B 12 -15.46 9.54 6.54
N GLN B 13 -14.52 9.91 5.68
CA GLN B 13 -14.76 10.95 4.70
C GLN B 13 -15.79 10.53 3.66
N LEU B 14 -16.05 9.24 3.52
CA LEU B 14 -17.10 8.70 2.63
C LEU B 14 -18.46 8.68 3.30
N GLY B 15 -18.51 8.87 4.63
CA GLY B 15 -19.74 8.81 5.35
C GLY B 15 -20.01 7.42 5.90
N SER B 16 -19.05 6.52 5.82
CA SER B 16 -19.18 5.18 6.45
C SER B 16 -19.18 5.31 7.98
N THR B 17 -19.88 4.36 8.62
CA THR B 17 -20.03 4.34 10.06
C THR B 17 -19.32 3.14 10.66
N PHE B 18 -18.40 3.44 11.58
CA PHE B 18 -17.49 2.51 12.29
C PHE B 18 -17.89 2.54 13.78
N ILE B 19 -18.46 1.43 14.28
CA ILE B 19 -18.94 1.36 15.67
C ILE B 19 -18.04 0.34 16.37
N VAL B 20 -17.27 0.76 17.40
CA VAL B 20 -16.24 -0.08 17.92
C VAL B 20 -16.23 0.01 19.44
N THR B 21 -15.86 -1.13 20.06
CA THR B 21 -15.57 -1.18 21.49
C THR B 21 -14.11 -1.62 21.64
N ALA B 22 -13.34 -0.80 22.37
CA ALA B 22 -11.96 -1.12 22.70
C ALA B 22 -11.90 -1.81 24.06
N GLY B 23 -11.64 -3.10 24.09
CA GLY B 23 -11.59 -3.83 25.34
C GLY B 23 -10.29 -3.63 26.10
N ALA B 24 -10.31 -3.93 27.41
CA ALA B 24 -9.15 -3.66 28.28
C ALA B 24 -7.94 -4.50 27.83
N ASP B 25 -8.22 -5.68 27.24
CA ASP B 25 -7.24 -6.64 26.73
C ASP B 25 -6.59 -6.27 25.38
N GLY B 26 -6.96 -5.16 24.75
CA GLY B 26 -6.47 -4.81 23.39
C GLY B 26 -7.37 -5.24 22.27
N ALA B 27 -8.56 -5.79 22.57
CA ALA B 27 -9.46 -6.22 21.55
C ALA B 27 -10.24 -5.02 20.97
N LEU B 28 -10.53 -5.07 19.66
CA LEU B 28 -11.52 -4.22 19.01
C LEU B 28 -12.64 -5.14 18.53
N THR B 29 -13.89 -4.73 18.81
CA THR B 29 -15.08 -5.48 18.39
CA THR B 29 -15.06 -5.47 18.31
C THR B 29 -16.12 -4.46 17.93
N GLY B 30 -16.92 -4.79 16.92
CA GLY B 30 -18.00 -3.88 16.56
C GLY B 30 -18.50 -4.17 15.18
N THR B 31 -19.04 -3.12 14.57
CA THR B 31 -19.67 -3.23 13.26
C THR B 31 -19.17 -2.11 12.35
N TYR B 32 -19.27 -2.41 11.07
CA TYR B 32 -18.92 -1.43 10.05
C TYR B 32 -20.04 -1.36 9.01
N GLU B 33 -20.41 -0.13 8.62
CA GLU B 33 -21.38 0.12 7.57
C GLU B 33 -20.75 1.04 6.55
N SER B 34 -20.54 0.49 5.34
CA SER B 34 -19.88 1.25 4.29
C SER B 34 -20.92 2.08 3.51
N ALA B 35 -20.54 3.34 3.24
CA ALA B 35 -21.35 4.24 2.38
C ALA B 35 -21.21 3.91 0.90
N VAL B 36 -20.21 3.09 0.53
CA VAL B 36 -19.87 2.81 -0.84
C VAL B 36 -19.60 1.31 -1.06
N GLY B 37 -19.63 0.93 -2.35
CA GLY B 37 -19.18 -0.39 -2.72
C GLY B 37 -20.27 -1.44 -2.64
N ASN B 38 -19.84 -2.72 -2.71
CA ASN B 38 -20.77 -3.83 -2.70
C ASN B 38 -21.05 -4.28 -1.27
N ALA B 39 -21.94 -3.50 -0.63
CA ALA B 39 -22.09 -3.53 0.82
C ALA B 39 -23.47 -2.97 1.12
N GLU B 40 -24.11 -3.53 2.15
CA GLU B 40 -25.29 -2.95 2.68
C GLU B 40 -25.45 -3.41 4.13
N SER B 41 -26.00 -2.55 4.95
CA SER B 41 -26.18 -2.79 6.37
C SER B 41 -24.83 -2.99 7.06
N ARG B 42 -24.84 -3.62 8.21
CA ARG B 42 -23.67 -3.72 9.04
C ARG B 42 -22.95 -5.05 8.86
N TYR B 43 -21.62 -5.00 9.02
CA TYR B 43 -20.74 -6.14 8.96
C TYR B 43 -19.97 -6.23 10.26
N VAL B 44 -19.70 -7.47 10.66
CA VAL B 44 -18.87 -7.72 11.83
C VAL B 44 -17.44 -7.23 11.56
N LEU B 45 -16.82 -6.63 12.58
CA LEU B 45 -15.42 -6.38 12.55
C LEU B 45 -14.73 -6.85 13.83
N THR B 46 -13.44 -7.19 13.71
CA THR B 46 -12.62 -7.45 14.89
CA THR B 46 -12.59 -7.55 14.89
C THR B 46 -11.23 -6.92 14.61
N GLY B 47 -10.48 -6.55 15.67
CA GLY B 47 -9.16 -6.09 15.49
C GLY B 47 -8.44 -5.94 16.81
N ARG B 48 -7.34 -5.19 16.79
CA ARG B 48 -6.49 -5.09 18.01
C ARG B 48 -5.98 -3.67 18.08
N TYR B 49 -5.71 -3.18 19.28
CA TYR B 49 -5.10 -1.93 19.45
C TYR B 49 -4.09 -2.01 20.60
N ASP B 50 -3.15 -1.04 20.58
CA ASP B 50 -2.15 -0.91 21.65
C ASP B 50 -2.81 -0.34 22.92
N SER B 51 -3.05 -1.21 23.90
CA SER B 51 -3.72 -0.78 25.14
C SER B 51 -2.79 -0.06 26.10
N ALA B 52 -1.50 0.06 25.78
CA ALA B 52 -0.57 0.83 26.63
C ALA B 52 0.29 1.74 25.73
N PRO B 53 -0.33 2.76 25.10
CA PRO B 53 0.42 3.58 24.15
C PRO B 53 1.53 4.33 24.88
N ALA B 54 2.44 4.88 24.07
CA ALA B 54 3.53 5.68 24.57
C ALA B 54 2.92 6.87 25.30
N THR B 55 3.57 7.33 26.36
CA THR B 55 3.00 8.47 27.07
C THR B 55 3.74 9.75 26.66
N ASP B 56 4.29 9.80 25.43
CA ASP B 56 4.96 11.00 24.91
C ASP B 56 4.07 11.77 23.93
N GLY B 57 2.79 11.41 23.84
CA GLY B 57 1.84 12.08 22.93
C GLY B 57 1.86 11.51 21.52
N SER B 58 2.40 10.31 21.38
CA SER B 58 2.31 9.59 20.13
C SER B 58 0.89 9.01 20.02
N GLY B 59 0.43 8.74 18.77
CA GLY B 59 -0.80 8.07 18.54
C GLY B 59 -0.81 6.65 19.08
N THR B 60 -1.99 6.05 19.04
CA THR B 60 -2.24 4.68 19.51
C THR B 60 -2.47 3.82 18.27
N ALA B 61 -1.54 2.89 18.03
CA ALA B 61 -1.62 2.03 16.82
C ALA B 61 -2.78 1.03 16.99
N LEU B 62 -3.45 0.74 15.87
CA LEU B 62 -4.58 -0.18 15.86
C LEU B 62 -4.81 -0.70 14.46
N GLY B 63 -5.61 -1.77 14.35
CA GLY B 63 -6.05 -2.25 13.06
C GLY B 63 -7.29 -3.09 13.22
N TRP B 64 -8.06 -3.20 12.16
CA TRP B 64 -9.22 -4.10 12.20
C TRP B 64 -9.55 -4.60 10.80
N THR B 65 -10.36 -5.66 10.76
CA THR B 65 -10.74 -6.33 9.55
C THR B 65 -12.28 -6.42 9.48
N VAL B 66 -12.79 -6.25 8.24
CA VAL B 66 -14.14 -6.60 7.85
C VAL B 66 -14.05 -7.60 6.69
N ALA B 67 -14.71 -8.74 6.79
CA ALA B 67 -15.00 -9.59 5.64
C ALA B 67 -16.39 -9.17 5.16
N TRP B 68 -16.55 -8.94 3.87
CA TRP B 68 -17.79 -8.30 3.30
C TRP B 68 -18.89 -9.31 3.04
N LYS B 69 -19.16 -10.13 4.07
CA LYS B 69 -20.28 -11.10 4.09
C LYS B 69 -21.13 -10.80 5.30
N ASN B 70 -22.44 -10.64 5.06
CA ASN B 70 -23.42 -10.58 6.13
C ASN B 70 -24.70 -11.31 5.65
N ASN B 71 -25.85 -11.08 6.30
CA ASN B 71 -27.03 -11.81 5.92
C ASN B 71 -27.67 -11.32 4.62
N TYR B 72 -27.25 -10.16 4.10
CA TYR B 72 -27.76 -9.51 2.90
C TYR B 72 -26.94 -9.76 1.64
N ARG B 73 -25.61 -9.79 1.78
CA ARG B 73 -24.70 -9.73 0.62
C ARG B 73 -23.41 -10.47 0.98
N ASN B 74 -22.74 -10.97 -0.06
CA ASN B 74 -21.38 -11.45 0.06
C ASN B 74 -20.57 -10.97 -1.13
N ALA B 75 -19.64 -10.04 -0.88
CA ALA B 75 -18.79 -9.42 -1.88
C ALA B 75 -17.45 -10.12 -2.03
N HIS B 76 -17.27 -11.28 -1.40
CA HIS B 76 -16.10 -12.14 -1.52
C HIS B 76 -14.82 -11.30 -1.45
N SER B 77 -14.68 -10.61 -0.32
CA SER B 77 -13.57 -9.68 -0.17
C SER B 77 -13.47 -9.28 1.30
N ALA B 78 -12.31 -8.71 1.67
CA ALA B 78 -12.05 -8.32 3.05
C ALA B 78 -11.17 -7.06 3.04
N THR B 79 -11.52 -6.09 3.90
CA THR B 79 -10.69 -4.91 4.11
C THR B 79 -10.01 -4.97 5.47
N THR B 80 -8.73 -4.59 5.49
CA THR B 80 -8.05 -4.32 6.73
C THR B 80 -7.69 -2.86 6.75
N TRP B 81 -7.96 -2.19 7.87
CA TRP B 81 -7.53 -0.84 8.16
C TRP B 81 -6.40 -0.92 9.18
N SER B 82 -5.29 -0.24 8.91
CA SER B 82 -4.16 -0.13 9.77
C SER B 82 -3.90 1.33 10.04
N GLY B 83 -3.81 1.74 11.29
CA GLY B 83 -3.68 3.18 11.51
C GLY B 83 -3.35 3.52 12.94
N GLN B 84 -3.67 4.79 13.28
CA GLN B 84 -3.40 5.25 14.67
C GLN B 84 -4.52 6.21 15.04
N TYR B 85 -4.91 6.11 16.33
CA TYR B 85 -5.82 7.00 17.00
C TYR B 85 -5.01 8.15 17.59
N VAL B 86 -5.55 9.34 17.41
CA VAL B 86 -5.01 10.57 17.96
C VAL B 86 -6.13 11.25 18.73
N GLY B 87 -5.98 11.44 20.04
CA GLY B 87 -7.06 12.01 20.84
C GLY B 87 -7.09 13.53 20.82
N GLY B 88 -7.91 14.11 21.69
CA GLY B 88 -8.04 15.57 21.87
C GLY B 88 -9.35 16.09 21.28
N ALA B 89 -9.46 17.42 21.14
CA ALA B 89 -10.70 18.09 20.75
C ALA B 89 -11.12 17.73 19.32
N GLU B 90 -10.15 17.45 18.43
CA GLU B 90 -10.41 16.94 17.07
C GLU B 90 -9.85 15.51 16.98
N ALA B 91 -10.40 14.59 17.77
CA ALA B 91 -9.89 13.23 17.79
C ALA B 91 -10.09 12.61 16.41
N ARG B 92 -9.15 11.72 16.04
CA ARG B 92 -9.18 11.16 14.69
C ARG B 92 -8.60 9.77 14.79
N ILE B 93 -9.06 8.91 13.87
CA ILE B 93 -8.38 7.64 13.59
C ILE B 93 -7.93 7.70 12.14
N ASN B 94 -6.62 7.82 11.93
CA ASN B 94 -6.04 7.98 10.62
C ASN B 94 -5.54 6.63 10.12
N THR B 95 -6.09 6.19 9.00
CA THR B 95 -5.83 4.80 8.50
C THR B 95 -5.39 4.80 7.06
N GLN B 96 -4.72 3.68 6.72
CA GLN B 96 -4.58 3.18 5.37
C GLN B 96 -5.21 1.79 5.36
N TRP B 97 -5.71 1.36 4.19
CA TRP B 97 -6.42 0.12 4.12
C TRP B 97 -6.03 -0.68 2.86
N LEU B 98 -6.23 -1.99 2.98
CA LEU B 98 -6.05 -2.96 1.90
C LEU B 98 -7.34 -3.78 1.77
N LEU B 99 -7.91 -3.77 0.60
CA LEU B 99 -9.18 -4.51 0.29
C LEU B 99 -8.82 -5.57 -0.72
N THR B 100 -8.76 -6.81 -0.25
CA THR B 100 -8.41 -7.96 -1.10
C THR B 100 -9.70 -8.68 -1.44
N SER B 101 -9.88 -8.98 -2.74
CA SER B 101 -10.97 -9.81 -3.22
C SER B 101 -10.44 -11.23 -3.44
N GLY B 102 -11.34 -12.21 -3.28
CA GLY B 102 -11.07 -13.55 -3.74
C GLY B 102 -11.01 -13.58 -5.26
N THR B 103 -9.88 -14.03 -5.84
CA THR B 103 -9.68 -14.08 -7.31
C THR B 103 -9.15 -15.46 -7.70
N THR B 104 -9.23 -15.72 -9.00
CA THR B 104 -8.42 -16.82 -9.54
C THR B 104 -6.95 -16.42 -9.46
N GLU B 105 -6.07 -17.38 -9.67
CA GLU B 105 -4.63 -17.18 -9.66
C GLU B 105 -4.29 -16.21 -10.78
N ALA B 106 -4.84 -16.41 -11.96
CA ALA B 106 -4.57 -15.60 -13.13
C ALA B 106 -4.87 -14.13 -12.85
N ASN B 107 -5.89 -13.87 -12.02
CA ASN B 107 -6.29 -12.46 -11.72
C ASN B 107 -5.76 -11.93 -10.38
N ALA B 108 -4.87 -12.67 -9.74
CA ALA B 108 -4.39 -12.29 -8.39
C ALA B 108 -3.68 -10.96 -8.42
N TRP B 109 -3.03 -10.61 -9.52
CA TRP B 109 -2.29 -9.38 -9.59
C TRP B 109 -3.22 -8.15 -9.37
N LYS B 110 -4.52 -8.29 -9.66
CA LYS B 110 -5.45 -7.17 -9.49
C LYS B 110 -6.43 -7.48 -8.35
N SER B 111 -5.99 -8.28 -7.36
CA SER B 111 -6.87 -8.62 -6.23
C SER B 111 -7.04 -7.50 -5.20
N THR B 112 -6.12 -6.53 -5.10
CA THR B 112 -6.02 -5.74 -3.89
C THR B 112 -6.10 -4.24 -4.21
N LEU B 113 -7.10 -3.55 -3.65
CA LEU B 113 -7.18 -2.10 -3.67
C LEU B 113 -6.54 -1.56 -2.41
N VAL B 114 -5.99 -0.35 -2.53
CA VAL B 114 -5.40 0.35 -1.41
C VAL B 114 -6.00 1.75 -1.36
N GLY B 115 -6.19 2.27 -0.13
CA GLY B 115 -6.63 3.60 0.08
C GLY B 115 -6.36 4.08 1.51
N HIS B 116 -6.98 5.22 1.83
CA HIS B 116 -6.78 5.84 3.09
C HIS B 116 -8.08 6.45 3.56
N ASP B 117 -8.45 6.16 4.81
CA ASP B 117 -9.67 6.70 5.43
C ASP B 117 -9.29 7.42 6.73
N THR B 118 -9.85 8.61 6.90
CA THR B 118 -9.72 9.35 8.14
CA THR B 118 -9.70 9.31 8.17
C THR B 118 -11.07 9.35 8.85
N PHE B 119 -11.10 8.85 10.08
CA PHE B 119 -12.32 8.79 10.91
C PHE B 119 -12.32 9.93 11.91
N THR B 120 -13.50 10.54 12.08
CA THR B 120 -13.71 11.55 13.09
C THR B 120 -15.02 11.21 13.83
N LYS B 121 -15.25 11.94 14.91
CA LYS B 121 -16.43 11.74 15.75
C LYS B 121 -17.68 12.38 15.20
N VAL B 122 -17.52 13.33 14.29
CA VAL B 122 -18.65 13.99 13.62
C VAL B 122 -18.64 13.63 12.13
N LYS B 123 -19.81 13.43 11.51
CA LYS B 123 -19.92 13.01 10.10
C LYS B 123 -19.53 14.15 9.17
N GLY C 5 -3.18 22.02 -17.23
CA GLY C 5 -3.65 21.91 -15.81
C GLY C 5 -2.55 21.40 -14.89
N ILE C 6 -1.91 20.31 -15.31
CA ILE C 6 -0.92 19.66 -14.51
C ILE C 6 0.33 20.53 -14.36
N THR C 7 0.75 21.21 -15.42
CA THR C 7 1.97 22.01 -15.35
C THR C 7 1.79 23.11 -14.29
N GLY C 8 2.82 23.26 -13.43
CA GLY C 8 2.80 24.30 -12.45
C GLY C 8 3.57 23.94 -11.19
N THR C 9 3.38 24.78 -10.14
CA THR C 9 3.96 24.56 -8.85
C THR C 9 2.86 24.11 -7.89
N TRP C 10 3.10 22.93 -7.29
CA TRP C 10 2.17 22.29 -6.39
C TRP C 10 2.81 22.20 -5.01
N TYR C 11 1.94 22.10 -4.00
CA TYR C 11 2.35 21.95 -2.61
C TYR C 11 1.49 20.86 -1.97
N ASN C 12 2.08 19.95 -1.21
CA ASN C 12 1.29 18.97 -0.52
C ASN C 12 0.99 19.40 0.92
N GLN C 13 0.31 18.50 1.63
CA GLN C 13 -0.13 18.79 2.97
C GLN C 13 1.03 18.99 3.95
N LEU C 14 2.23 18.53 3.60
CA LEU C 14 3.40 18.68 4.44
C LEU C 14 4.17 19.96 4.13
N GLY C 15 3.80 20.69 3.08
CA GLY C 15 4.51 21.86 2.62
C GLY C 15 5.61 21.55 1.64
N SER C 16 5.68 20.29 1.15
CA SER C 16 6.67 19.98 0.12
C SER C 16 6.26 20.61 -1.21
N THR C 17 7.26 20.93 -2.04
CA THR C 17 7.05 21.67 -3.28
C THR C 17 7.39 20.81 -4.50
N PHE C 18 6.41 20.65 -5.38
CA PHE C 18 6.43 19.78 -6.55
C PHE C 18 6.27 20.69 -7.77
N ILE C 19 7.36 20.89 -8.49
CA ILE C 19 7.38 21.78 -9.69
C ILE C 19 7.45 20.87 -10.90
N VAL C 20 6.43 20.92 -11.74
CA VAL C 20 6.27 19.93 -12.80
C VAL C 20 5.86 20.59 -14.13
N THR C 21 6.35 20.00 -15.22
CA THR C 21 5.92 20.31 -16.58
C THR C 21 5.39 19.06 -17.26
N ALA C 22 4.16 19.16 -17.75
CA ALA C 22 3.47 18.09 -18.46
C ALA C 22 3.74 18.30 -19.97
N GLY C 23 4.57 17.42 -20.55
CA GLY C 23 4.90 17.53 -21.96
C GLY C 23 3.82 16.95 -22.85
N ALA C 24 3.83 17.27 -24.15
CA ALA C 24 2.73 16.88 -25.09
C ALA C 24 2.75 15.36 -25.40
N ASP C 25 3.86 14.69 -25.01
CA ASP C 25 4.08 13.28 -25.28
C ASP C 25 3.75 12.41 -24.05
N GLY C 26 3.17 13.02 -23.01
CA GLY C 26 2.86 12.26 -21.79
C GLY C 26 3.98 12.25 -20.74
N ALA C 27 5.03 13.06 -20.95
CA ALA C 27 6.15 13.18 -20.01
C ALA C 27 5.83 14.15 -18.87
N LEU C 28 6.29 13.80 -17.68
CA LEU C 28 6.42 14.72 -16.56
C LEU C 28 7.90 14.89 -16.23
N THR C 29 8.27 16.16 -16.03
CA THR C 29 9.65 16.58 -15.74
CA THR C 29 9.61 16.50 -15.65
C THR C 29 9.60 17.67 -14.67
N GLY C 30 10.57 17.72 -13.76
CA GLY C 30 10.63 18.83 -12.86
C GLY C 30 11.45 18.55 -11.61
N THR C 31 11.08 19.21 -10.52
CA THR C 31 11.84 19.07 -9.25
C THR C 31 10.88 18.83 -8.07
N TYR C 32 11.43 18.23 -7.03
CA TYR C 32 10.70 17.98 -5.83
C TYR C 32 11.55 18.43 -4.67
N GLU C 33 10.94 19.12 -3.71
CA GLU C 33 11.60 19.51 -2.48
C GLU C 33 10.73 19.01 -1.31
N SER C 34 11.26 18.08 -0.54
CA SER C 34 10.48 17.56 0.61
C SER C 34 10.68 18.47 1.82
N ALA C 35 9.56 18.75 2.50
CA ALA C 35 9.58 19.43 3.79
C ALA C 35 10.03 18.55 4.95
N VAL C 36 10.12 17.24 4.75
CA VAL C 36 10.36 16.30 5.81
C VAL C 36 11.37 15.25 5.34
N GLY C 37 11.94 14.52 6.32
CA GLY C 37 12.77 13.37 5.99
C GLY C 37 14.22 13.75 5.70
N ASN C 38 14.93 12.74 5.20
CA ASN C 38 16.38 12.85 4.95
C ASN C 38 16.57 13.44 3.56
N ALA C 39 16.37 14.75 3.46
CA ALA C 39 16.24 15.47 2.19
C ALA C 39 16.52 16.93 2.41
N GLU C 40 17.20 17.58 1.45
CA GLU C 40 17.34 19.01 1.49
C GLU C 40 17.37 19.52 0.06
N SER C 41 16.80 20.69 -0.13
CA SER C 41 16.71 21.36 -1.39
C SER C 41 16.02 20.48 -2.43
N ARG C 42 16.30 20.67 -3.73
CA ARG C 42 15.53 20.07 -4.81
C ARG C 42 16.19 18.78 -5.35
N TYR C 43 15.31 17.91 -5.83
CA TYR C 43 15.67 16.63 -6.42
C TYR C 43 14.99 16.57 -7.79
N VAL C 44 15.66 15.89 -8.74
CA VAL C 44 15.09 15.64 -10.04
C VAL C 44 13.90 14.66 -9.92
N LEU C 45 12.84 14.92 -10.68
CA LEU C 45 11.79 13.93 -10.86
C LEU C 45 11.54 13.69 -12.33
N THR C 46 11.02 12.51 -12.64
CA THR C 46 10.49 12.19 -13.95
CA THR C 46 10.46 12.23 -13.95
C THR C 46 9.25 11.31 -13.75
N GLY C 47 8.32 11.39 -14.71
CA GLY C 47 7.16 10.55 -14.65
C GLY C 47 6.36 10.59 -15.94
N ARG C 48 5.14 10.09 -15.85
CA ARG C 48 4.27 9.98 -17.01
C ARG C 48 2.84 10.34 -16.61
N TYR C 49 2.04 10.82 -17.57
CA TYR C 49 0.63 11.06 -17.36
C TYR C 49 -0.15 10.70 -18.60
N ASP C 50 -1.44 10.47 -18.42
CA ASP C 50 -2.34 10.22 -19.54
C ASP C 50 -2.62 11.54 -20.26
N SER C 51 -2.07 11.65 -21.49
CA SER C 51 -2.22 12.86 -22.27
C SER C 51 -3.51 12.90 -23.10
N ALA C 52 -4.34 11.87 -22.98
CA ALA C 52 -5.68 11.90 -23.62
C ALA C 52 -6.69 11.33 -22.65
N PRO C 53 -6.91 11.99 -21.50
CA PRO C 53 -7.81 11.43 -20.50
C PRO C 53 -9.24 11.35 -21.01
N ALA C 54 -10.06 10.63 -20.27
CA ALA C 54 -11.48 10.55 -20.61
C ALA C 54 -12.15 11.93 -20.41
N THR C 55 -13.28 12.09 -21.08
CA THR C 55 -14.03 13.33 -21.08
C THR C 55 -15.37 13.12 -20.36
N ASP C 56 -15.39 12.23 -19.36
CA ASP C 56 -16.61 11.84 -18.66
C ASP C 56 -16.63 12.36 -17.21
N GLY C 57 -15.67 13.23 -16.85
CA GLY C 57 -15.59 13.80 -15.51
C GLY C 57 -14.56 13.07 -14.66
N SER C 58 -13.97 12.02 -15.25
CA SER C 58 -12.87 11.25 -14.58
C SER C 58 -11.61 12.12 -14.50
N GLY C 59 -10.78 11.79 -13.52
CA GLY C 59 -9.45 12.34 -13.33
C GLY C 59 -8.47 11.88 -14.39
N THR C 60 -7.30 12.51 -14.35
CA THR C 60 -6.20 12.20 -15.26
C THR C 60 -5.13 11.41 -14.49
N ALA C 61 -4.88 10.15 -14.87
CA ALA C 61 -3.92 9.32 -14.18
C ALA C 61 -2.49 9.80 -14.46
N LEU C 62 -1.63 9.68 -13.44
CA LEU C 62 -0.25 10.09 -13.54
C LEU C 62 0.60 9.44 -12.45
N GLY C 63 1.92 9.48 -12.63
CA GLY C 63 2.82 9.09 -11.59
C GLY C 63 4.20 9.66 -11.83
N TRP C 64 5.03 9.75 -10.78
CA TRP C 64 6.39 10.21 -10.91
C TRP C 64 7.28 9.61 -9.83
N THR C 65 8.59 9.72 -10.07
CA THR C 65 9.61 9.14 -9.16
C THR C 65 10.59 10.24 -8.78
N VAL C 66 11.07 10.20 -7.52
CA VAL C 66 12.24 10.93 -7.05
C VAL C 66 13.18 9.91 -6.43
N ALA C 67 14.45 9.87 -6.90
CA ALA C 67 15.53 9.21 -6.13
C ALA C 67 16.18 10.27 -5.25
N TRP C 68 16.34 9.97 -3.97
CA TRP C 68 16.71 10.97 -2.96
C TRP C 68 18.22 11.21 -2.90
N LYS C 69 18.80 11.43 -4.09
CA LYS C 69 20.20 11.81 -4.25
C LYS C 69 20.23 13.14 -5.00
N ASN C 70 20.99 14.07 -4.47
CA ASN C 70 21.24 15.34 -5.15
C ASN C 70 22.67 15.76 -4.81
N ASN C 71 22.98 17.00 -5.09
CA ASN C 71 24.33 17.36 -4.85
C ASN C 71 24.72 17.53 -3.37
N TYR C 72 23.73 17.54 -2.49
CA TYR C 72 23.95 17.82 -1.07
C TYR C 72 23.89 16.54 -0.24
N ARG C 73 23.07 15.57 -0.64
CA ARG C 73 22.71 14.44 0.25
C ARG C 73 22.41 13.20 -0.60
N ASN C 74 22.57 12.00 -0.02
CA ASN C 74 22.06 10.80 -0.65
C ASN C 74 21.40 9.95 0.45
N ALA C 75 20.08 9.82 0.42
CA ALA C 75 19.31 9.04 1.38
C ALA C 75 19.07 7.60 0.93
N HIS C 76 19.73 7.17 -0.13
CA HIS C 76 19.66 5.76 -0.60
C HIS C 76 18.21 5.26 -0.60
N SER C 77 17.36 5.97 -1.32
CA SER C 77 15.95 5.67 -1.31
C SER C 77 15.25 6.38 -2.50
N ALA C 78 14.05 5.94 -2.80
CA ALA C 78 13.28 6.52 -3.93
C ALA C 78 11.83 6.44 -3.54
N THR C 79 11.09 7.51 -3.87
CA THR C 79 9.66 7.54 -3.73
C THR C 79 8.99 7.60 -5.10
N THR C 80 7.92 6.80 -5.29
CA THR C 80 7.03 6.96 -6.38
C THR C 80 5.67 7.42 -5.87
N TRP C 81 5.10 8.40 -6.55
CA TRP C 81 3.74 8.84 -6.34
C TRP C 81 2.89 8.40 -7.53
N SER C 82 1.74 7.79 -7.23
CA SER C 82 0.79 7.31 -8.21
C SER C 82 -0.54 7.97 -7.90
N GLY C 83 -1.18 8.59 -8.88
CA GLY C 83 -2.39 9.32 -8.52
C GLY C 83 -3.15 9.83 -9.69
N GLN C 84 -3.99 10.83 -9.43
CA GLN C 84 -4.76 11.45 -10.51
C GLN C 84 -4.90 12.95 -10.23
N TYR C 85 -4.87 13.70 -11.35
CA TYR C 85 -5.21 15.10 -11.38
C TYR C 85 -6.72 15.24 -11.52
N VAL C 86 -7.31 16.08 -10.65
CA VAL C 86 -8.70 16.27 -10.52
C VAL C 86 -8.99 17.78 -10.52
N GLY C 87 -10.22 18.08 -10.87
CA GLY C 87 -10.86 19.42 -10.75
C GLY C 87 -11.53 19.56 -9.38
N GLY C 88 -12.77 20.07 -9.38
CA GLY C 88 -13.57 20.18 -8.18
C GLY C 88 -13.52 21.60 -7.61
N ALA C 89 -13.43 21.68 -6.28
CA ALA C 89 -13.35 22.97 -5.54
C ALA C 89 -12.17 23.83 -6.04
N GLU C 90 -11.02 23.18 -6.25
CA GLU C 90 -9.72 23.75 -6.70
C GLU C 90 -9.00 22.63 -7.49
N ALA C 91 -7.97 23.00 -8.27
CA ALA C 91 -7.17 21.96 -8.91
C ALA C 91 -6.41 21.15 -7.86
N ARG C 92 -6.34 19.83 -8.04
CA ARG C 92 -5.76 18.97 -7.02
C ARG C 92 -5.14 17.75 -7.70
N ILE C 93 -4.04 17.27 -7.13
CA ILE C 93 -3.48 16.01 -7.50
C ILE C 93 -3.50 15.15 -6.23
N ASN C 94 -4.22 14.02 -6.30
CA ASN C 94 -4.40 13.13 -5.17
C ASN C 94 -3.54 11.90 -5.44
N THR C 95 -2.64 11.55 -4.49
CA THR C 95 -1.66 10.47 -4.69
C THR C 95 -1.65 9.50 -3.53
N GLN C 96 -1.16 8.32 -3.82
CA GLN C 96 -0.57 7.42 -2.86
C GLN C 96 0.90 7.25 -3.27
N TRP C 97 1.75 6.93 -2.32
CA TRP C 97 3.18 6.83 -2.61
C TRP C 97 3.81 5.65 -1.89
N LEU C 98 4.92 5.18 -2.46
CA LEU C 98 5.76 4.11 -1.94
C LEU C 98 7.18 4.63 -1.91
N LEU C 99 7.80 4.58 -0.73
CA LEU C 99 9.16 5.07 -0.51
C LEU C 99 10.01 3.83 -0.15
N THR C 100 10.82 3.37 -1.11
CA THR C 100 11.67 2.21 -0.88
C THR C 100 13.08 2.69 -0.59
N SER C 101 13.67 2.08 0.45
CA SER C 101 15.05 2.31 0.76
C SER C 101 15.92 1.15 0.28
N GLY C 102 17.19 1.41 -0.06
CA GLY C 102 18.06 0.30 -0.32
C GLY C 102 18.45 -0.35 0.97
N THR C 103 18.19 -1.65 1.11
CA THR C 103 18.42 -2.33 2.36
C THR C 103 19.23 -3.59 2.13
N THR C 104 19.79 -4.13 3.23
CA THR C 104 20.27 -5.48 3.20
C THR C 104 19.10 -6.44 2.97
N GLU C 105 19.44 -7.67 2.60
CA GLU C 105 18.40 -8.67 2.42
C GLU C 105 17.65 -8.88 3.74
N ALA C 106 18.38 -8.96 4.85
CA ALA C 106 17.77 -9.21 6.12
C ALA C 106 16.77 -8.10 6.51
N ASN C 107 16.99 -6.88 6.01
CA ASN C 107 16.15 -5.75 6.37
C ASN C 107 15.10 -5.43 5.29
N ALA C 108 14.99 -6.28 4.26
CA ALA C 108 14.17 -5.89 3.10
C ALA C 108 12.70 -5.88 3.51
N TRP C 109 12.28 -6.67 4.51
CA TRP C 109 10.90 -6.66 4.94
C TRP C 109 10.45 -5.26 5.37
N LYS C 110 11.38 -4.42 5.84
CA LYS C 110 11.03 -3.06 6.31
C LYS C 110 11.56 -1.99 5.35
N SER C 111 11.72 -2.32 4.07
CA SER C 111 12.29 -1.41 3.09
C SER C 111 11.34 -0.31 2.65
N THR C 112 10.01 -0.48 2.81
CA THR C 112 9.09 0.35 2.05
C THR C 112 8.05 1.01 2.95
N LEU C 113 8.04 2.33 2.94
CA LEU C 113 7.00 3.13 3.59
C LEU C 113 5.93 3.47 2.57
N VAL C 114 4.69 3.57 3.06
CA VAL C 114 3.53 3.92 2.21
C VAL C 114 2.79 5.10 2.81
N GLY C 115 2.26 5.97 1.98
CA GLY C 115 1.46 7.07 2.46
C GLY C 115 0.63 7.67 1.33
N HIS C 116 0.08 8.84 1.61
CA HIS C 116 -0.78 9.52 0.69
C HIS C 116 -0.58 11.02 0.82
N ASP C 117 -0.35 11.67 -0.34
CA ASP C 117 -0.14 13.10 -0.40
C ASP C 117 -1.16 13.73 -1.34
N THR C 118 -1.79 14.84 -0.91
CA THR C 118 -2.68 15.62 -1.76
C THR C 118 -2.02 16.97 -2.00
N PHE C 119 -2.02 17.36 -3.28
CA PHE C 119 -1.35 18.58 -3.75
C PHE C 119 -2.40 19.56 -4.25
N THR C 120 -2.15 20.85 -3.96
CA THR C 120 -2.88 21.95 -4.56
C THR C 120 -1.84 22.97 -5.04
N LYS C 121 -2.33 23.97 -5.77
CA LYS C 121 -1.46 25.04 -6.25
C LYS C 121 -1.35 26.20 -5.24
N VAL C 122 -1.86 26.00 -4.02
CA VAL C 122 -1.95 27.04 -2.97
C VAL C 122 -0.64 27.09 -2.17
N LYS C 123 0.10 28.19 -2.31
CA LYS C 123 1.37 28.35 -1.59
C LYS C 123 1.10 28.51 -0.10
N PRO C 124 1.71 27.71 0.80
CA PRO C 124 1.29 27.78 2.21
C PRO C 124 1.62 29.16 2.88
N GLY D 5 24.49 -2.44 -13.38
CA GLY D 5 23.76 -3.72 -13.63
C GLY D 5 22.26 -3.61 -13.83
N ILE D 6 21.70 -2.40 -13.81
CA ILE D 6 20.29 -2.22 -14.02
C ILE D 6 19.95 -2.28 -15.50
N THR D 7 20.80 -1.72 -16.34
CA THR D 7 20.46 -1.62 -17.75
C THR D 7 20.27 -3.02 -18.35
N GLY D 8 19.18 -3.15 -19.11
CA GLY D 8 18.90 -4.37 -19.88
C GLY D 8 17.43 -4.77 -19.79
N THR D 9 17.17 -6.04 -20.13
CA THR D 9 15.88 -6.66 -20.15
C THR D 9 15.66 -7.46 -18.87
N TRP D 10 14.45 -7.25 -18.29
CA TRP D 10 14.04 -7.89 -17.07
C TRP D 10 12.65 -8.48 -17.29
N TYR D 11 12.35 -9.55 -16.54
CA TYR D 11 11.11 -10.24 -16.67
C TYR D 11 10.50 -10.44 -15.28
N ASN D 12 9.20 -10.21 -15.12
CA ASN D 12 8.57 -10.45 -13.82
C ASN D 12 7.79 -11.77 -13.81
N GLN D 13 7.17 -12.02 -12.66
CA GLN D 13 6.49 -13.30 -12.39
C GLN D 13 5.22 -13.49 -13.25
N LEU D 14 4.69 -12.42 -13.83
CA LEU D 14 3.54 -12.43 -14.74
C LEU D 14 3.97 -12.69 -16.18
N GLY D 15 5.27 -12.59 -16.46
CA GLY D 15 5.81 -12.72 -17.80
C GLY D 15 5.84 -11.38 -18.54
N SER D 16 5.64 -10.26 -17.85
CA SER D 16 5.84 -8.92 -18.42
C SER D 16 7.34 -8.67 -18.64
N THR D 17 7.63 -7.79 -19.59
CA THR D 17 8.99 -7.46 -20.00
C THR D 17 9.27 -5.96 -19.81
N PHE D 18 10.32 -5.69 -19.02
CA PHE D 18 10.78 -4.41 -18.57
C PHE D 18 12.13 -4.16 -19.23
N ILE D 19 12.19 -3.19 -20.16
CA ILE D 19 13.44 -2.88 -20.90
C ILE D 19 13.88 -1.50 -20.40
N VAL D 20 15.07 -1.41 -19.82
CA VAL D 20 15.46 -0.20 -19.17
C VAL D 20 16.94 0.13 -19.45
N THR D 21 17.19 1.43 -19.54
CA THR D 21 18.54 1.97 -19.53
C THR D 21 18.71 2.89 -18.31
N ALA D 22 19.73 2.57 -17.52
CA ALA D 22 20.13 3.38 -16.35
C ALA D 22 21.23 4.37 -16.76
N GLY D 23 20.87 5.64 -16.87
CA GLY D 23 21.86 6.66 -17.21
C GLY D 23 22.76 7.03 -16.04
N ALA D 24 23.91 7.66 -16.36
CA ALA D 24 24.93 7.92 -15.38
C ALA D 24 24.47 8.95 -14.35
N ASP D 25 23.48 9.79 -14.73
CA ASP D 25 22.84 10.85 -13.88
C ASP D 25 21.68 10.33 -13.00
N GLY D 26 21.37 9.04 -12.99
CA GLY D 26 20.21 8.65 -12.19
C GLY D 26 18.93 8.47 -12.98
N ALA D 27 18.95 8.66 -14.29
CA ALA D 27 17.76 8.48 -15.14
C ALA D 27 17.49 6.99 -15.41
N LEU D 28 16.20 6.63 -15.47
CA LEU D 28 15.73 5.38 -16.07
C LEU D 28 14.83 5.71 -17.25
N THR D 29 15.07 5.07 -18.39
CA THR D 29 14.26 5.25 -19.58
C THR D 29 14.09 3.88 -20.18
N GLY D 30 12.96 3.63 -20.85
CA GLY D 30 12.78 2.36 -21.53
C GLY D 30 11.34 2.12 -21.87
N THR D 31 11.01 0.85 -21.97
CA THR D 31 9.64 0.39 -22.36
C THR D 31 9.20 -0.76 -21.49
N TYR D 32 7.89 -0.85 -21.33
CA TYR D 32 7.28 -1.90 -20.55
C TYR D 32 6.21 -2.57 -21.41
N GLU D 33 6.13 -3.89 -21.30
CA GLU D 33 5.12 -4.63 -21.99
C GLU D 33 4.47 -5.57 -20.96
N SER D 34 3.20 -5.34 -20.65
CA SER D 34 2.50 -6.13 -19.67
C SER D 34 1.84 -7.37 -20.29
N ALA D 35 2.05 -8.51 -19.62
CA ALA D 35 1.37 -9.77 -19.95
C ALA D 35 -0.10 -9.83 -19.53
N VAL D 36 -0.52 -8.84 -18.72
CA VAL D 36 -1.88 -8.85 -18.16
C VAL D 36 -2.50 -7.46 -18.27
N GLY D 37 -3.82 -7.42 -18.07
CA GLY D 37 -4.52 -6.14 -17.99
C GLY D 37 -4.86 -5.55 -19.36
N ASN D 38 -5.28 -4.29 -19.31
CA ASN D 38 -5.72 -3.58 -20.48
C ASN D 38 -4.49 -2.94 -21.13
N ALA D 39 -3.72 -3.78 -21.84
CA ALA D 39 -2.35 -3.41 -22.30
C ALA D 39 -2.03 -4.20 -23.57
N GLU D 40 -1.48 -3.47 -24.55
CA GLU D 40 -1.10 -4.03 -25.82
C GLU D 40 0.27 -3.47 -26.20
N SER D 41 1.24 -4.35 -26.50
CA SER D 41 2.53 -3.89 -26.99
C SER D 41 3.25 -3.04 -25.91
N ARG D 42 4.19 -2.20 -26.33
CA ARG D 42 5.11 -1.54 -25.44
C ARG D 42 4.59 -0.16 -25.09
N TYR D 43 4.91 0.25 -23.86
CA TYR D 43 4.59 1.60 -23.33
C TYR D 43 5.89 2.26 -22.89
N VAL D 44 5.95 3.58 -23.02
CA VAL D 44 7.05 4.34 -22.53
C VAL D 44 7.10 4.27 -20.99
N LEU D 45 8.31 4.16 -20.44
CA LEU D 45 8.51 4.38 -19.02
C LEU D 45 9.62 5.37 -18.78
N THR D 46 9.55 6.03 -17.64
CA THR D 46 10.68 6.86 -17.14
C THR D 46 10.73 6.74 -15.63
N GLY D 47 11.90 6.88 -15.06
CA GLY D 47 12.01 6.87 -13.64
C GLY D 47 13.39 7.32 -13.20
N ARG D 48 13.76 6.98 -11.97
CA ARG D 48 15.02 7.48 -11.35
C ARG D 48 15.58 6.35 -10.49
N TYR D 49 16.90 6.35 -10.29
CA TYR D 49 17.54 5.40 -9.44
C TYR D 49 18.67 6.09 -8.71
N ASP D 50 19.08 5.52 -7.57
CA ASP D 50 20.21 5.96 -6.79
C ASP D 50 21.51 5.58 -7.55
N SER D 51 22.18 6.57 -8.16
CA SER D 51 23.35 6.34 -8.97
C SER D 51 24.62 6.22 -8.12
N ALA D 52 24.56 6.36 -6.79
CA ALA D 52 25.70 6.11 -5.91
C ALA D 52 25.22 5.33 -4.70
N PRO D 53 24.81 4.07 -4.90
CA PRO D 53 24.26 3.26 -3.81
C PRO D 53 25.33 2.94 -2.78
N ALA D 54 24.85 2.47 -1.63
CA ALA D 54 25.78 2.01 -0.61
C ALA D 54 26.58 0.84 -1.16
N THR D 55 27.75 0.61 -0.57
CA THR D 55 28.68 -0.47 -0.99
C THR D 55 28.72 -1.64 0.02
N ASP D 56 27.73 -1.72 0.89
CA ASP D 56 27.64 -2.65 1.98
C ASP D 56 26.74 -3.86 1.65
N GLY D 57 26.43 -4.09 0.37
CA GLY D 57 25.53 -5.19 0.00
C GLY D 57 24.07 -4.79 -0.02
N SER D 58 23.72 -3.56 0.41
CA SER D 58 22.38 -3.03 0.33
C SER D 58 21.98 -2.92 -1.14
N GLY D 59 20.67 -3.00 -1.42
CA GLY D 59 20.14 -2.84 -2.75
C GLY D 59 20.26 -1.36 -3.18
N THR D 60 19.95 -1.15 -4.46
CA THR D 60 19.95 0.17 -5.08
C THR D 60 18.49 0.62 -5.29
N ALA D 61 18.10 1.67 -4.59
CA ALA D 61 16.71 2.14 -4.64
C ALA D 61 16.39 2.71 -6.03
N LEU D 62 15.17 2.48 -6.52
CA LEU D 62 14.76 2.99 -7.83
C LEU D 62 13.22 3.02 -7.90
N GLY D 63 12.73 3.69 -8.93
CA GLY D 63 11.30 3.65 -9.25
C GLY D 63 11.05 4.07 -10.66
N TRP D 64 9.93 3.66 -11.23
CA TRP D 64 9.55 4.16 -12.56
C TRP D 64 8.04 4.18 -12.68
N THR D 65 7.57 4.87 -13.72
CA THR D 65 6.18 5.03 -14.02
C THR D 65 5.91 4.65 -15.49
N VAL D 66 4.77 3.97 -15.69
CA VAL D 66 4.16 3.76 -16.99
C VAL D 66 2.75 4.39 -16.92
N ALA D 67 2.44 5.26 -17.86
CA ALA D 67 1.02 5.68 -18.18
C ALA D 67 0.58 4.76 -19.31
N TRP D 68 -0.58 4.12 -19.13
CA TRP D 68 -1.06 3.02 -20.02
C TRP D 68 -1.77 3.56 -21.28
N LYS D 69 -1.07 4.48 -21.94
CA LYS D 69 -1.50 5.03 -23.24
C LYS D 69 -0.34 4.80 -24.20
N ASN D 70 -0.63 4.24 -25.38
CA ASN D 70 0.35 4.17 -26.44
C ASN D 70 -0.43 4.33 -27.75
N ASN D 71 0.18 4.00 -28.89
CA ASN D 71 -0.45 4.23 -30.18
C ASN D 71 -1.61 3.24 -30.42
N TYR D 72 -1.72 2.20 -29.61
CA TYR D 72 -2.74 1.17 -29.81
C TYR D 72 -3.96 1.36 -28.92
N ARG D 73 -3.72 1.87 -27.70
CA ARG D 73 -4.76 1.73 -26.72
C ARG D 73 -4.54 2.71 -25.56
N ASN D 74 -5.63 3.06 -24.85
CA ASN D 74 -5.52 3.93 -23.68
C ASN D 74 -6.39 3.43 -22.53
N ALA D 75 -5.73 2.96 -21.46
CA ALA D 75 -6.43 2.39 -20.29
C ALA D 75 -6.63 3.43 -19.18
N HIS D 76 -6.38 4.71 -19.45
CA HIS D 76 -6.65 5.80 -18.51
C HIS D 76 -6.21 5.41 -17.08
N SER D 77 -4.93 5.12 -16.97
CA SER D 77 -4.32 4.62 -15.75
C SER D 77 -2.82 4.70 -15.83
N ALA D 78 -2.15 4.61 -14.66
CA ALA D 78 -0.71 4.68 -14.57
C ALA D 78 -0.23 3.81 -13.42
N THR D 79 0.87 3.08 -13.63
CA THR D 79 1.46 2.30 -12.58
C THR D 79 2.81 2.92 -12.22
N THR D 80 3.14 2.95 -10.91
CA THR D 80 4.46 3.26 -10.45
C THR D 80 5.00 2.06 -9.71
N TRP D 81 6.23 1.64 -10.01
CA TRP D 81 6.94 0.62 -9.31
C TRP D 81 8.00 1.27 -8.48
N SER D 82 8.06 0.94 -7.19
CA SER D 82 9.05 1.44 -6.25
C SER D 82 9.79 0.23 -5.67
N GLY D 83 11.13 0.22 -5.72
CA GLY D 83 11.78 -0.96 -5.26
C GLY D 83 13.26 -0.79 -5.15
N GLN D 84 13.97 -1.95 -5.15
CA GLN D 84 15.41 -1.94 -5.10
C GLN D 84 15.98 -3.06 -5.99
N TYR D 85 17.09 -2.70 -6.65
CA TYR D 85 17.91 -3.64 -7.41
C TYR D 85 18.88 -4.33 -6.46
N VAL D 86 19.01 -5.66 -6.59
CA VAL D 86 19.97 -6.44 -5.88
C VAL D 86 20.79 -7.21 -6.93
N GLY D 87 22.10 -6.96 -6.95
CA GLY D 87 23.01 -7.55 -7.94
C GLY D 87 23.44 -8.94 -7.53
N GLY D 88 24.43 -9.46 -8.25
CA GLY D 88 25.04 -10.75 -7.97
C GLY D 88 24.51 -11.82 -8.90
N ALA D 89 24.83 -13.06 -8.55
CA ALA D 89 24.56 -14.17 -9.44
C ALA D 89 23.06 -14.32 -9.70
N GLU D 90 22.23 -13.96 -8.71
CA GLU D 90 20.79 -14.07 -8.81
C GLU D 90 20.22 -12.67 -8.71
N ALA D 91 20.54 -11.85 -9.72
CA ALA D 91 20.15 -10.43 -9.71
C ALA D 91 18.62 -10.30 -9.77
N ARG D 92 18.09 -9.33 -9.03
CA ARG D 92 16.65 -9.13 -8.98
C ARG D 92 16.34 -7.64 -8.88
N ILE D 93 15.16 -7.26 -9.32
CA ILE D 93 14.61 -5.97 -8.95
C ILE D 93 13.31 -6.30 -8.24
N ASN D 94 13.27 -6.02 -6.93
CA ASN D 94 12.13 -6.34 -6.05
C ASN D 94 11.29 -5.08 -5.86
N THR D 95 10.02 -5.15 -6.25
CA THR D 95 9.20 -3.94 -6.26
C THR D 95 7.87 -4.15 -5.58
N GLN D 96 7.30 -2.99 -5.18
CA GLN D 96 5.88 -2.83 -4.91
C GLN D 96 5.37 -1.79 -5.89
N TRP D 97 4.08 -1.88 -6.23
CA TRP D 97 3.54 -0.98 -7.23
C TRP D 97 2.16 -0.49 -6.84
N LEU D 98 1.83 0.67 -7.41
CA LEU D 98 0.54 1.36 -7.27
C LEU D 98 0.02 1.69 -8.66
N LEU D 99 -1.15 1.17 -8.99
CA LEU D 99 -1.82 1.38 -10.28
C LEU D 99 -3.06 2.23 -10.06
N THR D 100 -2.99 3.51 -10.42
CA THR D 100 -4.10 4.41 -10.23
C THR D 100 -4.82 4.59 -11.58
N SER D 101 -6.13 4.46 -11.53
CA SER D 101 -7.00 4.75 -12.69
C SER D 101 -7.62 6.14 -12.55
N GLY D 102 -7.86 6.80 -13.69
CA GLY D 102 -8.65 8.02 -13.66
C GLY D 102 -10.09 7.69 -13.30
N THR D 103 -10.65 8.32 -12.27
CA THR D 103 -12.00 7.99 -11.83
C THR D 103 -12.81 9.27 -11.66
N THR D 104 -14.11 9.11 -11.50
CA THR D 104 -14.93 10.18 -10.95
C THR D 104 -14.58 10.34 -9.46
N GLU D 105 -14.95 11.47 -8.88
CA GLU D 105 -14.69 11.72 -7.47
C GLU D 105 -15.47 10.68 -6.63
N ALA D 106 -16.67 10.28 -7.04
CA ALA D 106 -17.46 9.30 -6.30
C ALA D 106 -16.77 7.93 -6.29
N ASN D 107 -15.97 7.63 -7.31
CA ASN D 107 -15.27 6.33 -7.40
C ASN D 107 -13.81 6.41 -6.96
N ALA D 108 -13.33 7.54 -6.42
CA ALA D 108 -11.94 7.66 -6.18
C ALA D 108 -11.46 6.67 -5.11
N TRP D 109 -12.35 6.25 -4.20
CA TRP D 109 -11.98 5.38 -3.15
C TRP D 109 -11.44 4.05 -3.71
N LYS D 110 -11.89 3.67 -4.92
CA LYS D 110 -11.46 2.43 -5.56
C LYS D 110 -10.57 2.67 -6.76
N SER D 111 -9.84 3.79 -6.80
CA SER D 111 -9.01 4.16 -7.92
C SER D 111 -7.70 3.33 -8.00
N THR D 112 -7.18 2.79 -6.88
CA THR D 112 -5.80 2.38 -6.82
C THR D 112 -5.65 0.91 -6.43
N LEU D 113 -5.02 0.13 -7.29
CA LEU D 113 -4.58 -1.26 -7.00
C LEU D 113 -3.14 -1.24 -6.48
N VAL D 114 -2.83 -2.18 -5.62
CA VAL D 114 -1.50 -2.35 -5.09
C VAL D 114 -1.06 -3.79 -5.30
N GLY D 115 0.23 -3.98 -5.57
CA GLY D 115 0.79 -5.29 -5.69
C GLY D 115 2.30 -5.27 -5.62
N HIS D 116 2.90 -6.42 -5.92
CA HIS D 116 4.33 -6.59 -5.84
C HIS D 116 4.81 -7.46 -7.00
N ASP D 117 5.84 -6.98 -7.69
CA ASP D 117 6.46 -7.65 -8.80
C ASP D 117 7.95 -7.87 -8.51
N THR D 118 8.42 -9.09 -8.80
CA THR D 118 9.81 -9.41 -8.72
C THR D 118 10.36 -9.63 -10.14
N PHE D 119 11.38 -8.87 -10.52
CA PHE D 119 11.99 -8.98 -11.87
C PHE D 119 13.32 -9.75 -11.75
N THR D 120 13.57 -10.59 -12.74
CA THR D 120 14.79 -11.37 -12.84
C THR D 120 15.37 -11.18 -14.24
N LYS D 121 16.65 -11.52 -14.40
CA LYS D 121 17.34 -11.38 -15.69
C LYS D 121 17.04 -12.57 -16.59
N VAL D 122 16.58 -13.69 -16.04
CA VAL D 122 16.45 -14.88 -16.86
C VAL D 122 15.06 -14.97 -17.50
C1 EYW E . 8.01 -1.56 14.53
C2 EYW E . 6.60 -7.44 10.81
C3 EYW E . 6.39 -10.65 9.62
C4 EYW E . 7.13 -8.49 9.85
C5 EYW E . 6.21 -8.59 8.60
C6 EYW E . 5.00 -7.66 8.79
C7 EYW E . 7.01 -7.54 12.28
C9 EYW E . 7.12 -6.38 14.55
C11 EYW E . 7.82 -3.92 14.84
C12 EYW E . 8.12 -0.60 15.73
C15 EYW E . 7.53 -0.63 13.49
O3 EYW E . 6.17 -11.88 9.83
N1 EYW E . 5.87 -10.00 8.57
N2 EYW E . 7.10 -9.85 10.41
S1 EYW E . 4.76 -7.62 10.59
C8 EYW E . 6.70 -6.29 13.08
C10 EYW E . 6.91 -5.04 15.28
O11 EYW E . 8.98 -4.12 14.46
N12 EYW E . 7.24 -2.74 14.81
C13 EYW E . 8.62 0.72 15.13
N14 EYW E . 8.11 0.71 13.77
C1 EYW F . -15.40 -5.26 -3.75
C2 EYW F . -14.57 -0.06 1.05
C3 EYW F . -15.06 2.56 3.27
C4 EYW F . -14.61 1.46 1.26
C5 EYW F . -13.28 1.92 1.87
C6 EYW F . -12.41 0.68 2.18
C7 EYW F . -15.91 -0.76 0.94
C9 EYW F . -17.11 -2.90 0.25
C11 EYW F . -16.58 -4.20 -1.86
C12 EYW F . -15.83 -6.56 -4.38
C15 EYW F . -13.93 -5.24 -4.03
O3 EYW F . -15.67 3.03 4.26
N1 EYW F . -13.70 2.62 3.09
N2 EYW F . -15.60 1.93 2.24
S1 EYW F . -13.57 -0.62 2.48
C8 EYW F . -15.77 -2.17 0.34
C10 EYW F . -16.96 -4.25 -0.41
O11 EYW F . -17.02 -3.35 -2.59
N12 EYW F . -15.77 -5.17 -2.32
C13 EYW F . -14.93 -6.77 -5.60
N14 EYW F . -13.82 -5.88 -5.35
C1 EYW G . 14.53 7.70 4.05
C2 EYW G . 8.92 11.61 1.77
C3 EYW G . 6.80 14.19 1.01
C4 EYW G . 7.75 12.51 2.26
C5 EYW G . 6.44 12.01 1.60
C6 EYW G . 6.79 10.81 0.68
C7 EYW G . 10.32 12.23 1.92
C9 EYW G . 12.83 11.81 1.90
C11 EYW G . 13.95 9.90 3.09
C12 EYW G . 15.89 6.94 4.04
C15 EYW G . 13.60 6.54 4.14
O3 EYW G . 6.58 15.32 0.45
N1 EYW G . 5.94 13.18 0.90
N2 EYW G . 7.84 13.89 1.75
S1 EYW G . 8.47 11.17 0.08
C8 EYW G . 11.44 11.19 1.84
C10 EYW G . 13.93 10.74 1.87
O11 EYW G . 13.69 10.37 4.22
N12 EYW G . 14.33 8.61 2.91
C13 EYW G . 15.70 5.87 5.07
N14 EYW G . 14.34 5.49 4.92
C1 EYW H . -6.55 -0.87 -15.66
C2 EYW H . -0.29 -4.12 -14.33
C3 EYW H . 2.49 -6.14 -14.56
C4 EYW H . 0.36 -5.49 -14.05
C5 EYW H . 1.22 -5.30 -12.76
C6 EYW H . 1.23 -3.85 -12.31
C7 EYW H . -0.84 -3.98 -15.77
C9 EYW H . -2.28 -2.56 -17.36
C11 EYW H . -4.59 -1.73 -16.80
C12 EYW H . -7.59 0.06 -16.22
C15 EYW H . -6.70 -0.65 -14.19
O3 EYW H . 3.56 -6.45 -15.21
N1 EYW H . 2.54 -5.79 -13.23
N2 EYW H . 1.30 -5.92 -15.07
S1 EYW H . 0.96 -2.92 -13.85
C8 EYW H . -1.76 -2.76 -15.92
C10 EYW H . -3.28 -1.38 -17.46
O11 EYW H . -5.09 -2.87 -16.81
N12 EYW H . -5.22 -0.67 -16.21
C13 EYW H . -8.71 0.08 -15.19
N14 EYW H . -8.10 -0.19 -13.93
#